data_6C5H
#
_entry.id   6C5H
#
_cell.length_a   52.146
_cell.length_b   128.957
_cell.length_c   135.428
_cell.angle_alpha   90.00
_cell.angle_beta   90.00
_cell.angle_gamma   90.00
#
_symmetry.space_group_name_H-M   'C 2 2 21'
#
loop_
_entity.id
_entity.type
_entity.pdbx_description
1 polymer 'Fab Heavy Chain (IgG1)'
2 polymer 'Fab Light Chain (IgG1 Kappa)'
3 branched alpha-L-fucopyranose-(1-6)-2-acetamido-2-deoxy-beta-D-glucopyranose
4 branched '3-deoxy-alpha-D-manno-oct-2-ulopyranosonic acid-(2-8)-3-deoxy-alpha-D-manno-oct-2-ulopyranosonic acid-(2-4)-3-deoxy-alpha-D-manno-oct-2-ulopyranosonic acid-(2-6)-2-amino-2-deoxy-4-O-phosphono-beta-D-glucopyranose-(1-6)-2-amino-2-deoxy-1-O-phosphono-alpha-D-glucopyranose'
5 non-polymer 'TETRAETHYLENE GLYCOL'
6 non-polymer DI(HYDROXYETHYL)ETHER
7 non-polymer TRIS(HYDROXYETHYL)AMINOMETHANE
8 non-polymer 'CHLORIDE ION'
9 water water
#
loop_
_entity_poly.entity_id
_entity_poly.type
_entity_poly.pdbx_seq_one_letter_code
_entity_poly.pdbx_strand_id
1 'polypeptide(L)'
;(PCA)VQLVESGPGLVQPSQSLSITCTVSGFSLSTYGVHWVRQSPGKGLEWLGVIWSGGSTDYNAAFISRLSITKDNSKS
QVFFKMNSLQPNDTAVYYCDRMRITTDWFAYWGQGTLVTVSAAKTTPPSVYPLAPGSAAQTNSMVTLGCLVKGYFPEPVT
VTWNSGSLSSGVHTFPAVLQSDLYTLSSSVTVPSSTWPSETVTCNVAHPASSTKVDKKIVPR
;
H
2 'polypeptide(L)'
;DVLMTQSPLSLPVSLGDQASISCRSSQTIVHSNGNTYLEWYLQKPGQSPKLLIYKVSNRFYGVPDRFSGSGSGTDFTLKI
SRVEAEDLGVYYCFQGSHVPYTFGGGTKLEIKRADAAPTVSIFPPSSEQLTSGGASVVCFLNNFYPKDINVKWKIDGSER
QNGVLNSWTDQDSKDSTYSMSSTLTLTKDEYERHNSYTCEATHKTSTSPIVKSFNRNEC
;
L
#
loop_
_chem_comp.id
_chem_comp.type
_chem_comp.name
_chem_comp.formula
CL non-polymer 'CHLORIDE ION' 'Cl -1'
FUC L-saccharide, alpha linking alpha-L-fucopyranose 'C6 H12 O5'
GP1 D-saccharide 2-amino-2-deoxy-1-O-phosphono-alpha-D-glucopyranose 'C6 H14 N O8 P'
KDO D-saccharide, alpha linking '3-deoxy-alpha-D-manno-oct-2-ulopyranosonic acid' 'C8 H14 O8'
NAG D-saccharide, beta linking 2-acetamido-2-deoxy-beta-D-glucopyranose 'C8 H15 N O6'
PEG non-polymer DI(HYDROXYETHYL)ETHER 'C4 H10 O3'
PG4 non-polymer 'TETRAETHYLENE GLYCOL' 'C8 H18 O5'
TAM non-polymer TRIS(HYDROXYETHYL)AMINOMETHANE 'C7 H17 N O3'
Z9M D-saccharide, beta linking 2-amino-2-deoxy-4-O-phosphono-beta-D-glucopyranose 'C6 H14 N O8 P'
#
# COMPACT_ATOMS: atom_id res chain seq x y z
N PCA A 1 -14.93 14.14 -16.24
CA PCA A 1 -13.66 13.44 -16.16
CB PCA A 1 -13.28 13.50 -14.68
CG PCA A 1 -14.53 13.98 -13.94
CD PCA A 1 -15.49 14.33 -15.05
OE PCA A 1 -16.63 14.73 -14.85
C PCA A 1 -13.67 12.00 -16.61
O PCA A 1 -14.73 11.40 -16.82
N VAL A 2 -12.48 11.44 -16.74
CA VAL A 2 -12.29 10.05 -17.08
C VAL A 2 -12.35 9.26 -15.77
N GLN A 3 -13.14 8.19 -15.75
CA GLN A 3 -13.15 7.28 -14.61
C GLN A 3 -13.35 5.81 -15.03
N LEU A 4 -12.55 4.92 -14.46
CA LEU A 4 -12.66 3.48 -14.70
C LEU A 4 -13.08 2.84 -13.40
N VAL A 5 -14.31 2.33 -13.35
CA VAL A 5 -14.90 1.79 -12.12
C VAL A 5 -14.92 0.29 -12.19
N GLU A 6 -14.29 -0.38 -11.23
CA GLU A 6 -14.18 -1.84 -11.26
C GLU A 6 -15.15 -2.45 -10.26
N SER A 7 -15.65 -3.63 -10.56
CA SER A 7 -16.35 -4.44 -9.59
C SER A 7 -15.95 -5.90 -9.74
N GLY A 8 -15.77 -6.57 -8.62
CA GLY A 8 -15.34 -7.97 -8.62
C GLY A 8 -15.12 -8.44 -7.20
N PRO A 9 -14.89 -9.75 -7.01
CA PRO A 9 -14.80 -10.33 -5.67
C PRO A 9 -13.49 -9.98 -4.98
N GLY A 10 -13.54 -9.94 -3.66
CA GLY A 10 -12.34 -9.72 -2.85
C GLY A 10 -11.67 -11.01 -2.45
N LEU A 11 -12.40 -12.13 -2.54
CA LEU A 11 -11.93 -13.42 -2.08
C LEU A 11 -12.35 -14.49 -3.07
N VAL A 12 -11.37 -15.28 -3.49
CA VAL A 12 -11.54 -16.32 -4.48
C VAL A 12 -10.94 -17.59 -3.90
N GLN A 13 -11.65 -18.73 -4.02
CA GLN A 13 -11.11 -20.04 -3.62
C GLN A 13 -10.00 -20.47 -4.58
N PRO A 14 -8.96 -21.16 -4.09
CA PRO A 14 -7.97 -21.69 -5.06
C PRO A 14 -8.62 -22.62 -6.08
N SER A 15 -8.15 -22.56 -7.32
CA SER A 15 -8.74 -23.24 -8.49
C SER A 15 -10.02 -22.63 -9.09
N GLN A 16 -10.65 -21.70 -8.39
CA GLN A 16 -11.82 -20.99 -8.93
C GLN A 16 -11.32 -19.82 -9.78
N SER A 17 -12.22 -19.26 -10.57
CA SER A 17 -11.93 -18.13 -11.45
C SER A 17 -12.24 -16.77 -10.83
N LEU A 18 -11.70 -15.73 -11.46
CA LEU A 18 -11.87 -14.36 -11.02
C LEU A 18 -12.50 -13.58 -12.18
N SER A 19 -13.65 -12.95 -11.93
CA SER A 19 -14.29 -12.09 -12.92
C SER A 19 -14.39 -10.66 -12.40
N ILE A 20 -13.94 -9.71 -13.23
CA ILE A 20 -14.01 -8.29 -12.91
C ILE A 20 -14.66 -7.55 -14.08
N THR A 21 -15.55 -6.63 -13.75
CA THR A 21 -16.15 -5.74 -14.72
C THR A 21 -15.56 -4.35 -14.50
N CYS A 22 -15.11 -3.74 -15.60
CA CYS A 22 -14.55 -2.40 -15.62
C CYS A 22 -15.53 -1.56 -16.42
N THR A 23 -16.12 -0.58 -15.75
CA THR A 23 -17.04 0.35 -16.39
C THR A 23 -16.31 1.67 -16.64
N VAL A 24 -16.21 2.05 -17.92
CA VAL A 24 -15.49 3.23 -18.37
C VAL A 24 -16.44 4.41 -18.57
N SER A 25 -16.04 5.59 -18.09
CA SER A 25 -16.73 6.84 -18.42
C SER A 25 -15.71 7.90 -18.83
N GLY A 26 -16.05 8.71 -19.81
CA GLY A 26 -15.17 9.76 -20.30
C GLY A 26 -14.46 9.55 -21.61
N PHE A 27 -14.41 8.31 -22.10
CA PHE A 27 -13.93 8.03 -23.46
C PHE A 27 -14.66 6.84 -24.06
N SER A 28 -14.64 6.73 -25.38
CA SER A 28 -15.33 5.66 -26.09
C SER A 28 -14.47 4.44 -26.21
N LEU A 29 -15.00 3.29 -25.80
CA LEU A 29 -14.35 1.99 -26.07
C LEU A 29 -14.32 1.60 -27.55
N SER A 30 -15.15 2.25 -28.38
CA SER A 30 -15.08 2.07 -29.84
C SER A 30 -13.84 2.69 -30.43
N THR A 31 -13.16 3.57 -29.68
CA THR A 31 -11.99 4.30 -30.18
C THR A 31 -10.67 3.91 -29.51
N TYR A 32 -10.71 3.50 -28.23
CA TYR A 32 -9.51 3.34 -27.41
C TYR A 32 -9.44 1.95 -26.78
N GLY A 33 -8.22 1.42 -26.73
CA GLY A 33 -7.97 0.14 -26.07
C GLY A 33 -7.90 0.29 -24.55
N VAL A 34 -8.25 -0.81 -23.86
CA VAL A 34 -8.18 -0.91 -22.41
C VAL A 34 -7.30 -2.10 -22.02
N HIS A 35 -6.41 -1.87 -21.07
CA HIS A 35 -5.43 -2.85 -20.60
C HIS A 35 -5.78 -3.36 -19.20
N TRP A 36 -5.23 -4.52 -18.85
CA TRP A 36 -5.34 -5.11 -17.54
C TRP A 36 -3.95 -5.43 -17.00
N VAL A 37 -3.70 -4.96 -15.77
CA VAL A 37 -2.42 -5.02 -15.11
C VAL A 37 -2.71 -5.46 -13.68
N ARG A 38 -1.82 -6.25 -13.10
CA ARG A 38 -1.92 -6.56 -11.68
C ARG A 38 -0.63 -6.20 -10.94
N GLN A 39 -0.77 -6.09 -9.63
CA GLN A 39 0.34 -5.77 -8.77
C GLN A 39 0.34 -6.70 -7.57
N SER A 40 1.47 -7.34 -7.31
CA SER A 40 1.65 -8.21 -6.13
C SER A 40 3.01 -7.93 -5.49
N PRO A 41 3.15 -8.19 -4.16
CA PRO A 41 4.49 -8.02 -3.58
C PRO A 41 5.52 -9.01 -4.14
N GLY A 42 5.09 -10.22 -4.46
CA GLY A 42 5.97 -11.25 -5.04
C GLY A 42 6.50 -10.95 -6.43
N LYS A 43 5.61 -10.49 -7.32
CA LYS A 43 5.94 -10.34 -8.74
C LYS A 43 5.90 -8.93 -9.29
N GLY A 44 5.64 -7.91 -8.45
CA GLY A 44 5.60 -6.54 -8.92
C GLY A 44 4.44 -6.24 -9.85
N LEU A 45 4.68 -5.35 -10.82
CA LEU A 45 3.65 -4.98 -11.77
C LEU A 45 3.74 -5.87 -13.00
N GLU A 46 2.64 -6.54 -13.34
CA GLU A 46 2.57 -7.42 -14.50
C GLU A 46 1.43 -7.01 -15.42
N TRP A 47 1.76 -6.81 -16.68
CA TRP A 47 0.75 -6.57 -17.71
C TRP A 47 0.17 -7.94 -18.11
N LEU A 48 -1.16 -8.02 -18.15
CA LEU A 48 -1.86 -9.27 -18.45
C LEU A 48 -2.45 -9.34 -19.85
N GLY A 49 -2.99 -8.22 -20.33
CA GLY A 49 -3.55 -8.18 -21.65
C GLY A 49 -4.21 -6.86 -21.99
N VAL A 50 -4.71 -6.80 -23.22
CA VAL A 50 -5.36 -5.62 -23.75
C VAL A 50 -6.51 -6.01 -24.69
N ILE A 51 -7.57 -5.20 -24.70
CA ILE A 51 -8.59 -5.34 -25.73
C ILE A 51 -8.64 -4.04 -26.49
N TRP A 52 -8.34 -4.13 -27.78
CA TRP A 52 -8.25 -2.97 -28.66
C TRP A 52 -9.66 -2.53 -29.09
N SER A 53 -9.75 -1.33 -29.67
CA SER A 53 -11.03 -0.69 -29.92
C SER A 53 -11.97 -1.51 -30.80
N GLY A 54 -11.41 -2.25 -31.75
CA GLY A 54 -12.17 -3.11 -32.64
C GLY A 54 -12.47 -4.50 -32.11
N GLY A 55 -11.89 -4.85 -30.96
CA GLY A 55 -12.18 -6.10 -30.27
C GLY A 55 -11.11 -7.17 -30.34
N SER A 56 -10.07 -6.97 -31.15
CA SER A 56 -8.92 -7.87 -31.09
C SER A 56 -8.22 -7.75 -29.71
N THR A 57 -7.58 -8.83 -29.29
CA THR A 57 -6.85 -8.88 -28.03
C THR A 57 -5.42 -9.33 -28.21
N ASP A 58 -4.55 -8.85 -27.32
CA ASP A 58 -3.22 -9.41 -27.12
C ASP A 58 -3.14 -9.79 -25.65
N TYR A 59 -2.57 -10.96 -25.34
CA TYR A 59 -2.37 -11.41 -23.98
C TYR A 59 -0.91 -11.69 -23.70
N ASN A 60 -0.57 -11.60 -22.42
CA ASN A 60 0.72 -12.06 -21.92
C ASN A 60 0.69 -13.58 -21.98
N ALA A 61 1.65 -14.17 -22.69
CA ALA A 61 1.69 -15.64 -22.90
C ALA A 61 1.80 -16.44 -21.62
N ALA A 62 2.32 -15.83 -20.54
CA ALA A 62 2.38 -16.52 -19.27
C ALA A 62 0.99 -16.73 -18.64
N PHE A 63 -0.02 -16.00 -19.12
CA PHE A 63 -1.41 -16.10 -18.63
C PHE A 63 -2.44 -16.50 -19.71
N ILE A 64 -2.04 -16.56 -20.98
CA ILE A 64 -3.02 -16.69 -22.06
C ILE A 64 -3.92 -17.92 -21.93
N SER A 65 -3.41 -19.03 -21.42
CA SER A 65 -4.22 -20.25 -21.40
C SER A 65 -5.37 -20.18 -20.40
N ARG A 66 -5.32 -19.22 -19.48
CA ARG A 66 -6.38 -19.10 -18.50
C ARG A 66 -7.01 -17.72 -18.43
N LEU A 67 -6.74 -16.86 -19.43
CA LEU A 67 -7.21 -15.45 -19.42
C LEU A 67 -8.10 -15.15 -20.61
N SER A 68 -9.18 -14.43 -20.35
CA SER A 68 -10.06 -13.94 -21.39
C SER A 68 -10.40 -12.48 -21.10
N ILE A 69 -10.33 -11.61 -22.10
CA ILE A 69 -10.88 -10.26 -22.02
C ILE A 69 -11.90 -10.08 -23.14
N THR A 70 -13.10 -9.63 -22.78
CA THR A 70 -14.16 -9.30 -23.76
C THR A 70 -14.75 -7.95 -23.33
N LYS A 71 -15.59 -7.36 -24.16
CA LYS A 71 -16.20 -6.07 -23.84
C LYS A 71 -17.57 -5.92 -24.49
N ASP A 72 -18.27 -4.86 -24.07
CA ASP A 72 -19.51 -4.43 -24.68
C ASP A 72 -19.42 -2.91 -24.81
N ASN A 73 -19.20 -2.45 -26.03
CA ASN A 73 -18.93 -1.02 -26.30
C ASN A 73 -20.12 -0.12 -25.92
N SER A 74 -21.35 -0.56 -26.22
CA SER A 74 -22.54 0.28 -25.95
C SER A 74 -22.81 0.48 -24.44
N LYS A 75 -22.43 -0.49 -23.60
CA LYS A 75 -22.46 -0.35 -22.14
C LYS A 75 -21.16 0.18 -21.51
N SER A 76 -20.17 0.54 -22.34
CA SER A 76 -18.83 0.96 -21.88
C SER A 76 -18.25 0.06 -20.78
N GLN A 77 -18.39 -1.26 -20.96
CA GLN A 77 -17.87 -2.22 -20.01
C GLN A 77 -16.85 -3.14 -20.64
N VAL A 78 -15.81 -3.47 -19.87
CA VAL A 78 -14.79 -4.44 -20.21
C VAL A 78 -14.81 -5.56 -19.17
N PHE A 79 -14.75 -6.81 -19.65
CA PHE A 79 -14.90 -7.99 -18.81
C PHE A 79 -13.60 -8.78 -18.79
N PHE A 80 -13.03 -8.94 -17.59
CA PHE A 80 -11.80 -9.68 -17.38
C PHE A 80 -12.17 -10.98 -16.71
N LYS A 81 -11.63 -12.08 -17.20
CA LYS A 81 -11.82 -13.36 -16.54
C LYS A 81 -10.53 -14.15 -16.55
N MET A 82 -10.06 -14.51 -15.36
CA MET A 82 -8.93 -15.41 -15.23
C MET A 82 -9.34 -16.66 -14.43
N ASN A 83 -8.93 -17.82 -14.91
CA ASN A 83 -9.36 -19.10 -14.35
C ASN A 83 -8.26 -19.69 -13.48
N SER A 84 -8.64 -20.71 -12.73
CA SER A 84 -7.69 -21.54 -11.99
C SER A 84 -6.70 -20.72 -11.17
N LEU A 85 -7.22 -19.82 -10.35
CA LEU A 85 -6.33 -18.97 -9.54
C LEU A 85 -5.66 -19.76 -8.42
N GLN A 86 -4.38 -19.47 -8.20
CA GLN A 86 -3.61 -20.04 -7.11
C GLN A 86 -3.37 -18.95 -6.06
N PRO A 87 -2.89 -19.33 -4.86
CA PRO A 87 -2.59 -18.33 -3.81
C PRO A 87 -1.69 -17.18 -4.26
N ASN A 88 -0.70 -17.45 -5.09
CA ASN A 88 0.18 -16.39 -5.62
C ASN A 88 -0.40 -15.58 -6.80
N ASP A 89 -1.66 -15.82 -7.17
CA ASP A 89 -2.43 -14.84 -7.95
C ASP A 89 -3.09 -13.76 -7.08
N THR A 90 -2.86 -13.80 -5.75
CA THR A 90 -3.28 -12.72 -4.86
C THR A 90 -2.60 -11.42 -5.30
N ALA A 91 -3.41 -10.40 -5.59
CA ALA A 91 -2.93 -9.16 -6.22
C ALA A 91 -4.02 -8.11 -6.29
N VAL A 92 -3.64 -6.85 -6.52
CA VAL A 92 -4.57 -5.83 -6.94
C VAL A 92 -4.61 -5.92 -8.47
N TYR A 93 -5.82 -6.08 -9.01
CA TYR A 93 -6.05 -6.16 -10.44
C TYR A 93 -6.61 -4.80 -10.88
N TYR A 94 -5.98 -4.22 -11.91
CA TYR A 94 -6.40 -2.92 -12.46
C TYR A 94 -6.87 -3.08 -13.90
N CYS A 95 -7.91 -2.37 -14.28
CA CYS A 95 -8.09 -2.00 -15.67
C CYS A 95 -7.53 -0.59 -15.83
N ASP A 96 -6.98 -0.30 -16.99
CA ASP A 96 -6.46 1.04 -17.26
C ASP A 96 -6.37 1.31 -18.72
N ARG A 97 -6.16 2.56 -19.06
CA ARG A 97 -5.66 2.90 -20.37
C ARG A 97 -4.21 3.41 -20.18
N MET A 98 -3.33 2.88 -21.00
CA MET A 98 -1.92 3.20 -20.99
C MET A 98 -1.42 3.06 -22.42
N ARG A 99 -0.12 3.29 -22.61
CA ARG A 99 0.55 3.14 -23.91
C ARG A 99 -0.08 4.06 -24.97
N ILE A 100 -0.21 5.32 -24.59
CA ILE A 100 -0.95 6.29 -25.41
C ILE A 100 -0.07 6.90 -26.49
N THR A 101 -0.70 7.29 -27.60
CA THR A 101 0.00 7.91 -28.73
C THR A 101 -0.40 9.39 -28.80
N THR A 102 -1.68 9.65 -29.09
CA THR A 102 -2.19 11.01 -29.38
C THR A 102 -3.36 11.45 -28.51
N ASP A 103 -3.86 10.57 -27.65
CA ASP A 103 -4.99 10.89 -26.81
C ASP A 103 -4.48 11.19 -25.41
N TRP A 104 -5.39 11.55 -24.53
CA TRP A 104 -5.05 11.95 -23.17
C TRP A 104 -5.86 11.17 -22.11
N PHE A 105 -6.33 9.98 -22.47
CA PHE A 105 -7.20 9.20 -21.60
C PHE A 105 -6.46 8.13 -20.76
N ALA A 106 -5.23 8.44 -20.35
CA ALA A 106 -4.38 7.50 -19.63
C ALA A 106 -4.71 7.47 -18.14
N TYR A 107 -5.74 6.72 -17.79
CA TYR A 107 -6.19 6.61 -16.40
C TYR A 107 -6.35 5.16 -15.97
N TRP A 108 -6.24 4.95 -14.66
CA TRP A 108 -6.29 3.61 -14.06
C TRP A 108 -7.56 3.50 -13.25
N GLY A 109 -8.16 2.30 -13.22
CA GLY A 109 -9.21 2.02 -12.26
C GLY A 109 -8.69 2.09 -10.83
N GLN A 110 -9.60 2.00 -9.86
CA GLN A 110 -9.24 2.06 -8.45
C GLN A 110 -8.51 0.77 -8.01
N GLY A 111 -8.62 -0.30 -8.79
CA GLY A 111 -8.00 -1.57 -8.46
C GLY A 111 -9.00 -2.43 -7.69
N THR A 112 -8.86 -3.74 -7.86
CA THR A 112 -9.65 -4.72 -7.14
C THR A 112 -8.66 -5.62 -6.43
N LEU A 113 -8.65 -5.57 -5.11
CA LEU A 113 -7.79 -6.43 -4.33
C LEU A 113 -8.43 -7.81 -4.30
N VAL A 114 -7.68 -8.83 -4.73
CA VAL A 114 -8.18 -10.18 -4.77
C VAL A 114 -7.26 -11.08 -3.97
N THR A 115 -7.80 -11.69 -2.93
CA THR A 115 -7.11 -12.70 -2.14
C THR A 115 -7.57 -14.09 -2.58
N VAL A 116 -6.61 -14.95 -2.87
CA VAL A 116 -6.89 -16.32 -3.28
C VAL A 116 -6.54 -17.18 -2.08
N SER A 117 -7.56 -17.71 -1.41
CA SER A 117 -7.35 -18.50 -0.20
C SER A 117 -8.60 -19.30 0.14
N ALA A 118 -8.38 -20.46 0.75
CA ALA A 118 -9.44 -21.31 1.27
C ALA A 118 -9.90 -20.91 2.69
N ALA A 119 -9.17 -20.00 3.35
CA ALA A 119 -9.55 -19.55 4.70
C ALA A 119 -10.87 -18.80 4.65
N LYS A 120 -11.68 -18.93 5.71
CA LYS A 120 -13.02 -18.34 5.75
C LYS A 120 -13.00 -16.87 6.18
N THR A 121 -14.00 -16.14 5.71
CA THR A 121 -14.20 -14.74 6.11
C THR A 121 -14.46 -14.61 7.62
N THR A 122 -13.70 -13.74 8.28
CA THR A 122 -13.74 -13.56 9.75
C THR A 122 -13.75 -12.05 10.06
N PRO A 123 -14.64 -11.60 10.98
CA PRO A 123 -14.65 -10.18 11.36
C PRO A 123 -13.51 -9.81 12.34
N PRO A 124 -13.13 -8.53 12.38
CA PRO A 124 -12.11 -8.10 13.35
C PRO A 124 -12.67 -7.98 14.74
N SER A 125 -11.85 -8.21 15.76
CA SER A 125 -12.12 -7.73 17.10
C SER A 125 -11.49 -6.34 17.22
N VAL A 126 -12.30 -5.35 17.62
CA VAL A 126 -11.80 -3.98 17.76
C VAL A 126 -11.65 -3.62 19.24
N TYR A 127 -10.42 -3.33 19.67
CA TYR A 127 -10.09 -3.02 21.05
C TYR A 127 -9.50 -1.61 21.19
N PRO A 128 -10.05 -0.79 22.12
CA PRO A 128 -9.54 0.56 22.36
C PRO A 128 -8.20 0.47 23.05
N LEU A 129 -7.29 1.38 22.70
CA LEU A 129 -5.98 1.43 23.31
C LEU A 129 -5.84 2.79 23.98
N ALA A 130 -5.93 2.77 25.32
CA ALA A 130 -5.76 3.93 26.16
C ALA A 130 -4.48 3.74 26.95
N PRO A 131 -3.86 4.85 27.38
CA PRO A 131 -2.64 4.72 28.19
C PRO A 131 -2.82 3.98 29.53
N GLY A 132 -1.71 3.45 30.05
CA GLY A 132 -1.65 2.99 31.44
C GLY A 132 -1.29 4.19 32.32
N SER A 133 -1.45 4.04 33.64
CA SER A 133 -1.21 5.19 34.54
C SER A 133 0.28 5.53 34.68
N SER A 139 2.08 16.79 27.38
CA SER A 139 2.00 17.71 26.25
C SER A 139 1.03 17.21 25.16
N MET A 140 1.38 16.09 24.53
CA MET A 140 0.52 15.39 23.57
C MET A 140 0.26 13.99 24.11
N VAL A 141 -0.90 13.43 23.78
CA VAL A 141 -1.23 12.06 24.20
C VAL A 141 -1.58 11.20 22.97
N THR A 142 -0.96 10.02 22.89
CA THR A 142 -1.24 9.07 21.80
C THR A 142 -2.26 8.01 22.26
N LEU A 143 -3.32 7.84 21.47
CA LEU A 143 -4.36 6.83 21.69
C LEU A 143 -4.37 5.90 20.48
N GLY A 144 -5.08 4.77 20.58
CA GLY A 144 -5.09 3.79 19.50
C GLY A 144 -6.25 2.83 19.43
N CYS A 145 -6.36 2.14 18.30
CA CYS A 145 -7.30 1.03 18.11
C CYS A 145 -6.55 -0.17 17.56
N LEU A 146 -6.84 -1.33 18.11
CA LEU A 146 -6.28 -2.61 17.68
C LEU A 146 -7.39 -3.37 16.98
N VAL A 147 -7.15 -3.71 15.70
CA VAL A 147 -8.12 -4.35 14.82
C VAL A 147 -7.57 -5.73 14.49
N LYS A 148 -8.07 -6.74 15.20
CA LYS A 148 -7.36 -8.00 15.35
C LYS A 148 -8.17 -9.15 14.82
N GLY A 149 -7.51 -10.01 14.04
CA GLY A 149 -8.05 -11.31 13.68
C GLY A 149 -9.13 -11.34 12.62
N TYR A 150 -8.94 -10.58 11.56
CA TYR A 150 -9.90 -10.52 10.45
C TYR A 150 -9.36 -11.16 9.18
N PHE A 151 -10.28 -11.47 8.28
CA PHE A 151 -9.93 -12.04 6.97
C PHE A 151 -11.13 -11.87 6.04
N PRO A 152 -10.94 -11.52 4.77
CA PRO A 152 -9.68 -11.07 4.18
C PRO A 152 -9.51 -9.55 4.32
N GLU A 153 -8.44 -9.02 3.73
CA GLU A 153 -8.28 -7.57 3.54
C GLU A 153 -9.40 -7.08 2.60
N PRO A 154 -9.87 -5.83 2.71
CA PRO A 154 -9.33 -4.80 3.60
C PRO A 154 -10.32 -4.38 4.69
N VAL A 155 -9.82 -3.57 5.61
CA VAL A 155 -10.64 -2.76 6.51
C VAL A 155 -10.33 -1.29 6.24
N THR A 156 -11.18 -0.42 6.76
CA THR A 156 -10.91 1.01 6.77
C THR A 156 -11.00 1.45 8.22
N VAL A 157 -10.17 2.42 8.59
CA VAL A 157 -10.15 2.99 9.93
C VAL A 157 -10.17 4.53 9.83
N THR A 158 -11.07 5.18 10.55
CA THR A 158 -11.07 6.64 10.71
C THR A 158 -11.22 6.99 12.18
N TRP A 159 -10.85 8.22 12.52
CA TRP A 159 -10.89 8.71 13.89
C TRP A 159 -11.83 9.92 14.02
N ASN A 160 -12.75 9.85 15.00
CA ASN A 160 -13.96 10.70 15.13
C ASN A 160 -14.61 10.95 13.78
N SER A 161 -14.83 9.86 13.04
CA SER A 161 -15.49 9.87 11.72
C SER A 161 -14.82 10.71 10.63
N GLY A 162 -13.51 10.92 10.71
CA GLY A 162 -12.76 11.73 9.72
C GLY A 162 -12.17 13.03 10.27
N SER A 163 -12.81 13.62 11.27
CA SER A 163 -12.38 14.90 11.85
C SER A 163 -10.97 14.93 12.42
N LEU A 164 -10.46 13.78 12.87
CA LEU A 164 -9.04 13.64 13.20
C LEU A 164 -8.33 13.00 12.00
N SER A 165 -7.68 13.82 11.19
CA SER A 165 -6.85 13.37 10.09
C SER A 165 -5.38 13.48 10.48
N SER A 166 -4.97 14.69 10.83
CA SER A 166 -3.61 14.99 11.24
C SER A 166 -3.20 14.15 12.47
N GLY A 167 -1.96 13.70 12.49
CA GLY A 167 -1.47 12.88 13.60
C GLY A 167 -2.03 11.45 13.74
N VAL A 168 -2.66 10.93 12.68
CA VAL A 168 -3.11 9.54 12.60
C VAL A 168 -2.08 8.67 11.84
N HIS A 169 -1.85 7.45 12.32
CA HIS A 169 -1.04 6.46 11.59
C HIS A 169 -1.78 5.12 11.62
N THR A 170 -2.26 4.68 10.47
CA THR A 170 -2.91 3.38 10.33
C THR A 170 -1.92 2.46 9.62
N PHE A 171 -1.54 1.41 10.32
CA PHE A 171 -0.43 0.58 9.92
C PHE A 171 -0.88 -0.51 8.99
N PRO A 172 -0.02 -0.92 8.03
CA PRO A 172 -0.38 -2.07 7.19
C PRO A 172 -0.67 -3.32 8.02
N ALA A 173 -1.62 -4.12 7.57
CA ALA A 173 -2.00 -5.35 8.24
C ALA A 173 -0.88 -6.36 8.13
N VAL A 174 -0.72 -7.18 9.17
CA VAL A 174 0.21 -8.29 9.12
C VAL A 174 -0.56 -9.55 9.50
N LEU A 175 0.00 -10.69 9.10
CA LEU A 175 -0.62 -11.97 9.28
C LEU A 175 -0.17 -12.55 10.63
N GLN A 176 -1.12 -13.05 11.42
CA GLN A 176 -0.78 -13.87 12.59
C GLN A 176 -1.89 -14.89 12.83
N SER A 177 -1.47 -16.13 13.05
CA SER A 177 -2.40 -17.26 13.13
C SER A 177 -3.36 -17.29 11.94
N ASP A 178 -2.79 -17.02 10.75
CA ASP A 178 -3.52 -17.01 9.48
C ASP A 178 -4.69 -16.03 9.38
N LEU A 179 -4.66 -14.95 10.17
CA LEU A 179 -5.64 -13.86 10.11
C LEU A 179 -4.88 -12.53 10.15
N TYR A 180 -5.53 -11.45 9.73
CA TYR A 180 -4.88 -10.13 9.72
C TYR A 180 -5.06 -9.37 11.03
N THR A 181 -4.03 -8.65 11.45
CA THR A 181 -4.09 -7.73 12.58
C THR A 181 -3.50 -6.40 12.15
N LEU A 182 -4.17 -5.31 12.52
CA LEU A 182 -3.58 -3.99 12.41
C LEU A 182 -3.91 -3.12 13.61
N SER A 183 -3.21 -2.00 13.68
CA SER A 183 -3.49 -0.99 14.65
C SER A 183 -3.48 0.35 13.94
N SER A 184 -4.10 1.31 14.60
CA SER A 184 -4.08 2.70 14.21
C SER A 184 -3.83 3.53 15.47
N SER A 185 -3.00 4.56 15.35
CA SER A 185 -2.73 5.50 16.44
C SER A 185 -3.22 6.89 16.06
N VAL A 186 -3.59 7.69 17.06
CA VAL A 186 -3.93 9.10 16.86
C VAL A 186 -3.23 9.89 17.96
N THR A 187 -2.74 11.08 17.61
CA THR A 187 -2.01 11.91 18.57
C THR A 187 -2.74 13.24 18.71
N VAL A 188 -3.33 13.46 19.88
CA VAL A 188 -4.05 14.69 20.18
C VAL A 188 -3.39 15.38 21.38
N PRO A 189 -3.62 16.70 21.53
CA PRO A 189 -2.99 17.37 22.67
C PRO A 189 -3.50 16.87 24.02
N SER A 190 -2.62 16.81 24.99
CA SER A 190 -2.94 16.22 26.31
C SER A 190 -4.09 16.94 27.04
N SER A 191 -4.23 18.25 26.80
CA SER A 191 -5.38 19.03 27.28
C SER A 191 -6.74 18.48 26.81
N THR A 192 -6.77 17.96 25.58
CA THR A 192 -8.00 17.64 24.87
C THR A 192 -8.62 16.27 25.21
N TRP A 193 -7.90 15.40 25.92
CA TRP A 193 -8.42 14.05 26.21
C TRP A 193 -8.13 13.68 27.67
N PRO A 194 -9.12 13.16 28.41
CA PRO A 194 -10.43 12.73 27.93
C PRO A 194 -11.51 13.82 27.76
N SER A 195 -11.15 15.09 27.94
CA SER A 195 -12.13 16.20 27.92
C SER A 195 -12.99 16.20 26.65
N GLU A 196 -12.35 16.02 25.49
CA GLU A 196 -13.05 15.80 24.23
C GLU A 196 -12.92 14.32 23.83
N THR A 197 -14.00 13.76 23.29
CA THR A 197 -14.07 12.34 22.95
C THR A 197 -13.18 11.98 21.77
N VAL A 198 -12.55 10.81 21.84
CA VAL A 198 -11.79 10.25 20.71
C VAL A 198 -12.30 8.83 20.47
N THR A 199 -12.67 8.56 19.21
CA THR A 199 -13.37 7.33 18.82
C THR A 199 -12.83 6.87 17.46
N CYS A 200 -12.54 5.57 17.33
CA CYS A 200 -12.14 4.98 16.04
C CYS A 200 -13.33 4.27 15.45
N ASN A 201 -13.44 4.36 14.13
CA ASN A 201 -14.53 3.79 13.36
C ASN A 201 -13.92 2.77 12.41
N VAL A 202 -14.19 1.49 12.66
CA VAL A 202 -13.60 0.41 11.88
C VAL A 202 -14.70 -0.23 11.05
N ALA A 203 -14.43 -0.38 9.75
CA ALA A 203 -15.33 -1.09 8.84
C ALA A 203 -14.59 -2.22 8.17
N HIS A 204 -15.22 -3.40 8.13
CA HIS A 204 -14.72 -4.57 7.41
C HIS A 204 -15.89 -5.09 6.58
N PRO A 205 -16.05 -4.58 5.36
CA PRO A 205 -17.18 -4.95 4.48
C PRO A 205 -17.40 -6.45 4.33
N ALA A 206 -16.31 -7.19 4.11
CA ALA A 206 -16.36 -8.65 3.92
C ALA A 206 -17.21 -9.40 4.97
N SER A 207 -17.19 -8.93 6.22
CA SER A 207 -17.96 -9.54 7.31
C SER A 207 -19.17 -8.71 7.79
N SER A 208 -19.55 -7.69 7.01
CA SER A 208 -20.61 -6.74 7.38
C SER A 208 -20.39 -6.14 8.77
N THR A 209 -19.15 -5.82 9.07
CA THR A 209 -18.79 -5.28 10.37
C THR A 209 -18.60 -3.76 10.27
N LYS A 210 -19.27 -3.02 11.16
CA LYS A 210 -18.96 -1.62 11.45
C LYS A 210 -18.94 -1.44 12.95
N VAL A 211 -17.81 -1.00 13.48
CA VAL A 211 -17.63 -0.84 14.92
C VAL A 211 -17.12 0.57 15.22
N ASP A 212 -17.73 1.21 16.20
CA ASP A 212 -17.24 2.47 16.75
C ASP A 212 -16.78 2.19 18.18
N LYS A 213 -15.53 2.54 18.48
CA LYS A 213 -14.94 2.24 19.79
C LYS A 213 -14.39 3.52 20.41
N LYS A 214 -15.09 4.02 21.43
CA LYS A 214 -14.66 5.20 22.17
C LYS A 214 -13.47 4.80 23.01
N ILE A 215 -12.44 5.63 23.03
CA ILE A 215 -11.25 5.36 23.85
C ILE A 215 -11.47 6.03 25.21
N VAL A 216 -11.63 5.20 26.25
CA VAL A 216 -11.97 5.67 27.61
C VAL A 216 -10.76 5.43 28.52
N PRO A 217 -10.46 6.38 29.44
CA PRO A 217 -9.24 6.22 30.27
C PRO A 217 -9.27 5.03 31.23
N ARG A 218 -8.08 4.74 31.79
CA ARG A 218 -7.79 3.51 32.57
C ARG A 218 -7.89 2.26 31.69
N ASP B 1 10.77 -12.02 -23.81
CA ASP B 1 10.16 -10.78 -23.26
C ASP B 1 11.24 -9.71 -23.12
N VAL B 2 10.83 -8.45 -23.24
CA VAL B 2 11.72 -7.33 -23.02
C VAL B 2 11.87 -7.15 -21.50
N LEU B 3 13.10 -7.30 -21.02
CA LEU B 3 13.43 -7.02 -19.62
C LEU B 3 13.68 -5.52 -19.45
N MET B 4 13.08 -4.93 -18.41
CA MET B 4 13.23 -3.51 -18.13
C MET B 4 13.97 -3.40 -16.81
N THR B 5 15.21 -2.94 -16.86
CA THR B 5 16.09 -2.91 -15.68
C THR B 5 16.20 -1.51 -15.19
N GLN B 6 15.66 -1.29 -14.01
CA GLN B 6 15.47 0.04 -13.49
C GLN B 6 16.48 0.24 -12.40
N SER B 7 17.26 1.32 -12.48
CA SER B 7 18.21 1.68 -11.42
C SER B 7 18.21 3.19 -11.07
N PRO B 8 18.45 3.54 -9.80
CA PRO B 8 18.62 2.61 -8.68
C PRO B 8 17.29 2.05 -8.18
N LEU B 9 17.30 1.04 -7.31
CA LEU B 9 16.06 0.57 -6.67
C LEU B 9 15.59 1.51 -5.55
N SER B 10 16.54 2.18 -4.91
CA SER B 10 16.26 3.12 -3.82
C SER B 10 16.97 4.42 -4.12
N LEU B 11 16.25 5.54 -4.06
CA LEU B 11 16.82 6.85 -4.37
C LEU B 11 16.51 7.88 -3.27
N PRO B 12 17.39 7.98 -2.26
CA PRO B 12 17.24 9.02 -1.24
C PRO B 12 17.72 10.36 -1.80
N VAL B 13 16.90 11.40 -1.64
CA VAL B 13 17.17 12.74 -2.20
C VAL B 13 16.68 13.81 -1.24
N SER B 14 17.42 14.91 -1.19
CA SER B 14 16.98 16.06 -0.43
C SER B 14 15.94 16.82 -1.22
N LEU B 15 14.95 17.36 -0.53
CA LEU B 15 14.02 18.32 -1.13
C LEU B 15 14.79 19.35 -1.93
N GLY B 16 14.35 19.62 -3.15
CA GLY B 16 14.97 20.62 -4.01
C GLY B 16 16.16 20.17 -4.82
N ASP B 17 16.72 19.00 -4.54
CA ASP B 17 17.80 18.45 -5.36
C ASP B 17 17.25 17.82 -6.62
N GLN B 18 18.14 17.64 -7.58
CA GLN B 18 17.82 16.91 -8.78
C GLN B 18 17.86 15.40 -8.53
N ALA B 19 17.07 14.65 -9.29
CA ALA B 19 17.03 13.19 -9.22
C ALA B 19 16.88 12.63 -10.60
N SER B 20 17.59 11.54 -10.89
CA SER B 20 17.37 10.83 -12.15
C SER B 20 17.29 9.33 -11.94
N ILE B 21 16.44 8.70 -12.74
CA ILE B 21 16.14 7.28 -12.65
C ILE B 21 16.35 6.73 -14.04
N SER B 22 17.05 5.61 -14.10
CA SER B 22 17.47 5.02 -15.36
C SER B 22 16.67 3.74 -15.57
N CYS B 23 16.35 3.49 -16.85
CA CYS B 23 15.65 2.29 -17.25
C CYS B 23 16.39 1.77 -18.48
N ARG B 24 16.84 0.52 -18.41
CA ARG B 24 17.56 -0.11 -19.51
C ARG B 24 16.74 -1.26 -20.04
N SER B 25 16.36 -1.22 -21.30
CA SER B 25 15.65 -2.32 -21.94
C SER B 25 16.63 -3.36 -22.52
N SER B 26 16.28 -4.64 -22.43
CA SER B 26 17.13 -5.72 -22.94
C SER B 26 17.11 -5.83 -24.48
N GLN B 27 16.10 -5.24 -25.12
CA GLN B 27 16.02 -5.09 -26.56
C GLN B 27 15.55 -3.67 -26.87
N THR B 28 15.66 -3.28 -28.13
CA THR B 28 15.04 -2.06 -28.60
C THR B 28 13.53 -2.17 -28.46
N ILE B 29 12.88 -1.02 -28.32
CA ILE B 29 11.43 -0.95 -28.05
C ILE B 29 10.75 0.06 -28.95
N VAL B 30 10.98 -0.10 -30.25
CA VAL B 30 10.21 0.61 -31.27
C VAL B 30 9.06 -0.31 -31.70
N HIS B 31 7.84 0.20 -31.59
CA HIS B 31 6.65 -0.53 -32.04
C HIS B 31 6.66 -0.56 -33.59
N SER B 32 6.02 -1.57 -34.16
CA SER B 32 5.78 -1.64 -35.62
C SER B 32 5.26 -0.36 -36.29
N ASN B 33 4.56 0.49 -35.53
CA ASN B 33 3.96 1.71 -36.05
C ASN B 33 4.91 2.89 -35.90
N GLY B 34 6.12 2.66 -35.40
CA GLY B 34 7.16 3.71 -35.35
C GLY B 34 7.36 4.37 -33.99
N ASN B 35 6.37 4.28 -33.12
CA ASN B 35 6.42 4.92 -31.81
C ASN B 35 7.26 4.09 -30.84
N THR B 36 7.97 4.78 -29.96
CA THR B 36 8.67 4.15 -28.85
C THR B 36 7.78 4.34 -27.59
N TYR B 37 7.06 3.28 -27.23
CA TYR B 37 6.11 3.34 -26.12
C TYR B 37 6.77 3.12 -24.77
N LEU B 38 7.63 4.06 -24.39
CA LEU B 38 8.27 4.08 -23.09
C LEU B 38 7.51 5.08 -22.22
N GLU B 39 6.96 4.58 -21.12
CA GLU B 39 6.21 5.39 -20.20
C GLU B 39 6.84 5.36 -18.81
N TRP B 40 6.69 6.46 -18.10
CA TRP B 40 7.08 6.55 -16.69
C TRP B 40 5.84 6.80 -15.84
N TYR B 41 5.74 6.04 -14.74
CA TYR B 41 4.67 6.06 -13.78
C TYR B 41 5.20 6.40 -12.40
N LEU B 42 4.40 7.14 -11.63
CA LEU B 42 4.58 7.32 -10.20
C LEU B 42 3.39 6.73 -9.46
N GLN B 43 3.69 5.87 -8.49
CA GLN B 43 2.68 5.34 -7.60
C GLN B 43 2.95 5.88 -6.21
N LYS B 44 2.10 6.78 -5.77
CA LYS B 44 2.22 7.33 -4.43
C LYS B 44 1.62 6.31 -3.47
N PRO B 45 2.06 6.32 -2.19
CA PRO B 45 1.51 5.37 -1.20
C PRO B 45 -0.02 5.38 -1.16
N GLY B 46 -0.63 4.20 -1.22
CA GLY B 46 -2.07 4.04 -1.19
C GLY B 46 -2.83 4.32 -2.47
N GLN B 47 -2.14 4.62 -3.58
CA GLN B 47 -2.80 5.05 -4.82
C GLN B 47 -2.50 4.14 -6.00
N SER B 48 -3.31 4.25 -7.04
CA SER B 48 -3.02 3.67 -8.33
C SER B 48 -1.78 4.36 -8.94
N PRO B 49 -1.03 3.66 -9.81
CA PRO B 49 -0.04 4.40 -10.58
C PRO B 49 -0.66 5.53 -11.43
N LYS B 50 0.10 6.61 -11.61
CA LYS B 50 -0.27 7.71 -12.49
C LYS B 50 0.81 7.97 -13.52
N LEU B 51 0.39 8.24 -14.74
CA LEU B 51 1.30 8.47 -15.85
C LEU B 51 1.94 9.84 -15.71
N LEU B 52 3.27 9.90 -15.85
CA LEU B 52 4.02 11.17 -15.88
C LEU B 52 4.50 11.53 -17.26
N ILE B 53 5.11 10.56 -17.94
CA ILE B 53 5.78 10.76 -19.18
C ILE B 53 5.37 9.64 -20.17
N TYR B 54 5.03 9.99 -21.40
CA TYR B 54 4.69 9.00 -22.42
C TYR B 54 5.49 9.22 -23.68
N LYS B 55 5.53 8.20 -24.54
CA LYS B 55 6.42 8.15 -25.71
C LYS B 55 7.79 8.78 -25.43
N VAL B 56 8.45 8.28 -24.37
CA VAL B 56 9.82 8.66 -23.95
C VAL B 56 9.93 10.01 -23.24
N SER B 57 9.44 11.06 -23.88
CA SER B 57 9.76 12.42 -23.49
C SER B 57 8.56 13.38 -23.41
N ASN B 58 7.34 12.87 -23.55
CA ASN B 58 6.18 13.73 -23.57
C ASN B 58 5.53 13.78 -22.20
N ARG B 59 5.38 14.98 -21.66
CA ARG B 59 4.75 15.16 -20.37
C ARG B 59 3.25 15.00 -20.51
N PHE B 60 2.66 14.19 -19.62
CA PHE B 60 1.25 13.93 -19.66
C PHE B 60 0.50 15.11 -19.07
N TYR B 61 -0.77 15.24 -19.45
CA TYR B 61 -1.64 16.34 -19.04
C TYR B 61 -1.64 16.52 -17.53
N GLY B 62 -1.35 17.73 -17.09
CA GLY B 62 -1.36 18.05 -15.66
C GLY B 62 -0.07 17.76 -14.91
N VAL B 63 0.90 17.15 -15.56
CA VAL B 63 2.16 16.77 -14.90
C VAL B 63 3.05 18.02 -14.82
N PRO B 64 3.59 18.33 -13.63
CA PRO B 64 4.49 19.50 -13.50
C PRO B 64 5.72 19.47 -14.42
N ASP B 65 6.18 20.62 -14.85
CA ASP B 65 7.33 20.68 -15.75
C ASP B 65 8.69 20.34 -15.11
N ARG B 66 8.73 20.14 -13.79
CA ARG B 66 9.93 19.54 -13.14
C ARG B 66 10.26 18.10 -13.58
N PHE B 67 9.28 17.39 -14.14
CA PHE B 67 9.50 16.04 -14.68
C PHE B 67 9.83 16.09 -16.15
N SER B 68 10.80 15.29 -16.57
CA SER B 68 11.13 15.16 -17.97
C SER B 68 11.68 13.80 -18.29
N GLY B 69 11.59 13.42 -19.55
CA GLY B 69 12.04 12.09 -19.97
C GLY B 69 12.92 12.22 -21.17
N SER B 70 13.89 11.30 -21.30
CA SER B 70 14.74 11.24 -22.46
C SER B 70 15.22 9.83 -22.69
N GLY B 71 15.86 9.63 -23.83
CA GLY B 71 16.60 8.42 -24.17
C GLY B 71 16.24 7.88 -25.52
N SER B 72 16.93 6.81 -25.89
CA SER B 72 16.68 6.08 -27.13
C SER B 72 17.38 4.74 -27.06
N GLY B 73 17.11 3.90 -28.05
CA GLY B 73 17.74 2.60 -28.15
C GLY B 73 17.27 1.74 -27.00
N THR B 74 18.17 1.50 -26.05
CA THR B 74 17.85 0.71 -24.87
C THR B 74 18.05 1.47 -23.56
N ASP B 75 18.34 2.78 -23.62
CA ASP B 75 18.66 3.57 -22.42
C ASP B 75 17.72 4.75 -22.28
N PHE B 76 16.95 4.77 -21.19
CA PHE B 76 15.95 5.81 -20.95
C PHE B 76 16.10 6.41 -19.54
N THR B 77 15.83 7.70 -19.41
CA THR B 77 15.99 8.41 -18.12
C THR B 77 14.82 9.30 -17.79
N LEU B 78 14.33 9.16 -16.55
CA LEU B 78 13.43 10.14 -15.95
C LEU B 78 14.24 11.10 -15.11
N LYS B 79 14.02 12.39 -15.30
CA LYS B 79 14.65 13.40 -14.48
C LYS B 79 13.62 14.26 -13.77
N ILE B 80 13.89 14.51 -12.49
CA ILE B 80 13.11 15.45 -11.68
C ILE B 80 14.07 16.60 -11.36
N SER B 81 13.79 17.78 -11.90
CA SER B 81 14.72 18.92 -11.84
C SER B 81 14.93 19.39 -10.40
N ARG B 82 13.85 19.39 -9.65
CA ARG B 82 13.91 19.64 -8.22
C ARG B 82 12.80 18.89 -7.54
N VAL B 83 13.18 18.01 -6.61
CA VAL B 83 12.27 17.08 -5.97
C VAL B 83 11.45 17.80 -4.89
N GLU B 84 10.13 17.59 -4.92
CA GLU B 84 9.20 18.09 -3.92
C GLU B 84 8.70 16.95 -3.06
N ALA B 85 8.16 17.30 -1.88
CA ALA B 85 7.62 16.31 -0.94
C ALA B 85 6.59 15.37 -1.58
N GLU B 86 5.76 15.90 -2.45
CA GLU B 86 4.72 15.10 -3.10
C GLU B 86 5.25 14.13 -4.16
N ASP B 87 6.53 14.25 -4.52
CA ASP B 87 7.15 13.32 -5.46
C ASP B 87 7.55 11.99 -4.84
N LEU B 88 7.39 11.80 -3.52
CA LEU B 88 7.80 10.52 -2.93
C LEU B 88 6.84 9.40 -3.36
N GLY B 89 7.40 8.21 -3.47
CA GLY B 89 6.66 7.02 -3.91
C GLY B 89 7.54 6.17 -4.79
N VAL B 90 6.93 5.28 -5.56
CA VAL B 90 7.68 4.36 -6.40
C VAL B 90 7.44 4.71 -7.87
N TYR B 91 8.53 4.88 -8.59
CA TYR B 91 8.52 5.18 -10.01
C TYR B 91 8.76 3.92 -10.78
N TYR B 92 8.02 3.74 -11.88
CA TYR B 92 8.15 2.57 -12.75
C TYR B 92 8.29 3.02 -14.19
N CYS B 93 9.23 2.43 -14.91
CA CYS B 93 9.20 2.49 -16.36
C CYS B 93 8.33 1.34 -16.90
N PHE B 94 7.91 1.49 -18.15
CA PHE B 94 6.98 0.56 -18.81
C PHE B 94 7.25 0.64 -20.30
N GLN B 95 7.32 -0.51 -20.98
CA GLN B 95 7.42 -0.55 -22.44
C GLN B 95 6.17 -1.22 -22.97
N GLY B 96 5.49 -0.55 -23.90
CA GLY B 96 4.35 -1.14 -24.59
C GLY B 96 4.56 -1.26 -26.10
N SER B 97 5.80 -1.56 -26.49
CA SER B 97 6.15 -1.73 -27.90
C SER B 97 6.09 -3.16 -28.36
N HIS B 98 6.59 -4.08 -27.54
CA HIS B 98 6.56 -5.51 -27.86
C HIS B 98 5.79 -6.28 -26.80
N VAL B 99 4.82 -7.06 -27.26
CA VAL B 99 4.03 -7.94 -26.40
C VAL B 99 4.94 -9.09 -25.96
N PRO B 100 4.96 -9.46 -24.66
CA PRO B 100 4.13 -8.87 -23.62
C PRO B 100 4.72 -7.58 -23.09
N TYR B 101 3.86 -6.59 -22.88
CA TYR B 101 4.27 -5.31 -22.31
C TYR B 101 4.77 -5.52 -20.88
N THR B 102 5.83 -4.79 -20.51
CA THR B 102 6.61 -5.09 -19.27
C THR B 102 7.00 -3.81 -18.50
N PHE B 103 7.10 -3.96 -17.19
CA PHE B 103 7.47 -2.89 -16.27
C PHE B 103 8.84 -3.08 -15.69
N GLY B 104 9.49 -1.98 -15.34
CA GLY B 104 10.65 -2.02 -14.44
C GLY B 104 10.26 -2.49 -13.05
N GLY B 105 11.27 -2.84 -12.24
CA GLY B 105 11.07 -3.28 -10.86
C GLY B 105 10.67 -2.19 -9.86
N GLY B 106 10.85 -0.94 -10.25
CA GLY B 106 10.41 0.19 -9.43
C GLY B 106 11.60 0.86 -8.75
N THR B 107 11.51 2.17 -8.56
CA THR B 107 12.50 2.94 -7.81
C THR B 107 11.76 3.72 -6.71
N LYS B 108 12.10 3.45 -5.45
CA LYS B 108 11.48 4.13 -4.33
C LYS B 108 12.25 5.41 -4.06
N LEU B 109 11.59 6.54 -4.32
CA LEU B 109 12.13 7.85 -3.98
C LEU B 109 11.85 8.11 -2.50
N GLU B 110 12.91 8.41 -1.76
CA GLU B 110 12.84 8.73 -0.35
C GLU B 110 13.34 10.14 -0.14
N ILE B 111 12.63 10.90 0.67
CA ILE B 111 12.98 12.28 0.96
C ILE B 111 13.90 12.28 2.16
N LYS B 112 15.09 12.85 1.99
CA LYS B 112 16.03 13.01 3.09
C LYS B 112 15.58 14.18 3.98
N ARG B 113 15.83 14.04 5.27
CA ARG B 113 15.53 15.10 6.21
C ARG B 113 16.41 14.93 7.42
N ALA B 114 16.31 15.89 8.32
CA ALA B 114 17.04 15.84 9.59
C ALA B 114 16.55 14.65 10.42
N ASP B 115 17.46 14.07 11.18
CA ASP B 115 17.16 12.96 12.10
C ASP B 115 16.08 13.39 13.08
N ALA B 116 15.12 12.49 13.33
CA ALA B 116 14.02 12.72 14.26
C ALA B 116 13.84 11.48 15.14
N ALA B 117 13.79 11.69 16.45
CA ALA B 117 13.70 10.59 17.43
C ALA B 117 12.25 10.11 17.48
N PRO B 118 12.03 8.79 17.66
CA PRO B 118 10.64 8.32 17.72
C PRO B 118 9.94 8.71 19.00
N THR B 119 8.66 9.03 18.89
CA THR B 119 7.78 9.15 20.04
C THR B 119 7.24 7.74 20.34
N VAL B 120 7.69 7.14 21.44
CA VAL B 120 7.32 5.77 21.78
C VAL B 120 6.22 5.71 22.83
N SER B 121 5.14 4.96 22.55
CA SER B 121 4.02 4.77 23.48
C SER B 121 3.71 3.31 23.63
N ILE B 122 3.50 2.85 24.87
CA ILE B 122 3.13 1.45 25.15
C ILE B 122 1.69 1.39 25.70
N PHE B 123 0.96 0.32 25.34
CA PHE B 123 -0.46 0.18 25.69
C PHE B 123 -0.73 -1.25 26.20
N PRO B 124 -1.26 -1.37 27.45
CA PRO B 124 -1.62 -2.69 27.97
C PRO B 124 -2.83 -3.27 27.25
N PRO B 125 -3.04 -4.60 27.38
CA PRO B 125 -4.29 -5.17 26.89
C PRO B 125 -5.50 -4.40 27.42
N SER B 126 -6.49 -4.21 26.57
CA SER B 126 -7.74 -3.61 27.00
C SER B 126 -8.49 -4.63 27.86
N SER B 127 -9.36 -4.12 28.74
CA SER B 127 -10.20 -4.98 29.59
C SER B 127 -11.14 -5.80 28.72
N GLU B 128 -11.61 -5.21 27.63
CA GLU B 128 -12.42 -5.92 26.63
C GLU B 128 -11.72 -7.19 26.11
N GLN B 129 -10.47 -7.06 25.68
CA GLN B 129 -9.70 -8.19 25.16
C GLN B 129 -9.48 -9.26 26.24
N LEU B 130 -9.10 -8.82 27.45
CA LEU B 130 -8.81 -9.75 28.56
C LEU B 130 -10.03 -10.60 28.91
N THR B 131 -11.20 -9.98 28.97
CA THR B 131 -12.49 -10.69 29.12
C THR B 131 -12.66 -11.83 28.11
N SER B 132 -12.26 -11.58 26.87
CA SER B 132 -12.31 -12.55 25.77
C SER B 132 -11.17 -13.58 25.71
N GLY B 133 -10.23 -13.55 26.64
CA GLY B 133 -9.19 -14.60 26.74
C GLY B 133 -7.84 -14.35 26.06
N GLY B 134 -7.69 -13.19 25.41
CA GLY B 134 -6.42 -12.80 24.78
C GLY B 134 -5.77 -11.63 25.48
N ALA B 135 -4.54 -11.33 25.08
CA ALA B 135 -3.75 -10.27 25.66
C ALA B 135 -2.71 -9.81 24.65
N SER B 136 -2.91 -8.63 24.09
CA SER B 136 -1.95 -8.01 23.19
C SER B 136 -1.43 -6.77 23.84
N VAL B 137 -0.11 -6.57 23.78
CA VAL B 137 0.51 -5.33 24.20
C VAL B 137 1.01 -4.60 22.95
N VAL B 138 0.62 -3.34 22.79
CA VAL B 138 0.89 -2.56 21.58
C VAL B 138 1.89 -1.46 21.90
N CYS B 139 2.87 -1.29 21.02
CA CYS B 139 3.84 -0.23 21.15
C CYS B 139 3.89 0.55 19.83
N PHE B 140 3.61 1.85 19.89
CA PHE B 140 3.77 2.72 18.73
C PHE B 140 5.09 3.48 18.81
N LEU B 141 5.83 3.50 17.71
CA LEU B 141 7.05 4.30 17.58
C LEU B 141 6.82 5.26 16.42
N ASN B 142 6.49 6.50 16.72
CA ASN B 142 6.00 7.42 15.68
C ASN B 142 6.94 8.56 15.33
N ASN B 143 6.94 8.89 14.05
CA ASN B 143 7.52 10.12 13.52
C ASN B 143 9.04 10.20 13.69
N PHE B 144 9.71 9.17 13.20
CA PHE B 144 11.16 9.09 13.28
C PHE B 144 11.78 9.13 11.89
N TYR B 145 13.07 9.48 11.88
CA TYR B 145 13.89 9.47 10.67
C TYR B 145 15.35 9.29 11.11
N PRO B 146 16.16 8.46 10.45
CA PRO B 146 15.80 7.65 9.28
C PRO B 146 14.97 6.40 9.61
N LYS B 147 14.66 5.61 8.59
CA LYS B 147 13.67 4.55 8.71
C LYS B 147 14.10 3.36 9.57
N ASP B 148 15.41 3.12 9.69
CA ASP B 148 15.86 1.90 10.36
C ASP B 148 15.75 2.02 11.89
N ILE B 149 15.03 1.07 12.48
CA ILE B 149 14.77 1.09 13.90
C ILE B 149 14.68 -0.36 14.34
N ASN B 150 15.07 -0.64 15.57
CA ASN B 150 15.01 -2.01 16.09
C ASN B 150 14.18 -1.96 17.36
N VAL B 151 13.22 -2.87 17.47
CA VAL B 151 12.35 -2.97 18.62
C VAL B 151 12.61 -4.34 19.28
N LYS B 152 12.69 -4.36 20.61
CA LYS B 152 12.77 -5.61 21.36
C LYS B 152 11.78 -5.60 22.52
N TRP B 153 11.16 -6.75 22.76
CA TRP B 153 10.20 -6.91 23.83
C TRP B 153 10.82 -7.74 24.94
N LYS B 154 10.64 -7.27 26.18
CA LYS B 154 11.06 -8.00 27.39
C LYS B 154 9.85 -8.20 28.31
N ILE B 155 9.67 -9.44 28.76
CA ILE B 155 8.65 -9.78 29.76
C ILE B 155 9.42 -10.21 31.00
N ASP B 156 9.38 -9.38 32.04
CA ASP B 156 10.21 -9.58 33.22
C ASP B 156 11.65 -9.90 32.77
N GLY B 157 12.18 -9.13 31.81
CA GLY B 157 13.55 -9.29 31.32
C GLY B 157 13.82 -10.37 30.28
N SER B 158 13.06 -11.47 30.30
CA SER B 158 13.19 -12.52 29.30
C SER B 158 12.78 -12.05 27.87
N GLU B 159 13.66 -12.24 26.89
CA GLU B 159 13.42 -11.78 25.51
C GLU B 159 12.42 -12.67 24.76
N ARG B 160 11.52 -12.02 24.05
CA ARG B 160 10.37 -12.64 23.44
C ARG B 160 10.37 -12.37 21.94
N GLN B 161 10.54 -13.41 21.13
CA GLN B 161 10.31 -13.33 19.66
C GLN B 161 8.91 -13.78 19.29
N ASN B 162 8.47 -14.89 19.88
CA ASN B 162 7.16 -15.48 19.58
C ASN B 162 6.06 -14.45 19.79
N GLY B 163 5.19 -14.33 18.80
CA GLY B 163 4.01 -13.47 18.89
C GLY B 163 4.28 -11.97 18.84
N VAL B 164 5.47 -11.56 18.37
CA VAL B 164 5.77 -10.15 18.12
C VAL B 164 5.47 -9.88 16.65
N LEU B 165 4.66 -8.86 16.39
CA LEU B 165 4.27 -8.49 15.05
C LEU B 165 4.64 -7.04 14.81
N ASN B 166 5.40 -6.78 13.76
CA ASN B 166 5.86 -5.42 13.48
C ASN B 166 5.29 -4.94 12.15
N SER B 167 4.95 -3.66 12.10
CA SER B 167 4.45 -3.07 10.87
C SER B 167 4.87 -1.61 10.79
N TRP B 168 5.13 -1.13 9.56
CA TRP B 168 5.70 0.20 9.29
C TRP B 168 4.81 0.96 8.32
N THR B 169 4.67 2.27 8.51
CA THR B 169 4.03 3.10 7.49
C THR B 169 5.05 3.44 6.41
N ASP B 170 4.56 3.81 5.23
CA ASP B 170 5.41 4.41 4.19
C ASP B 170 5.81 5.82 4.66
N GLN B 171 6.75 6.43 3.96
CA GLN B 171 7.22 7.75 4.33
C GLN B 171 6.08 8.77 4.28
N ASP B 172 5.97 9.58 5.33
CA ASP B 172 4.89 10.53 5.50
C ASP B 172 5.18 11.77 4.64
N SER B 173 4.23 12.13 3.79
CA SER B 173 4.44 13.24 2.85
C SER B 173 4.60 14.60 3.53
N LYS B 174 3.92 14.82 4.66
CA LYS B 174 3.92 16.15 5.30
C LYS B 174 5.16 16.49 6.13
N ASP B 175 5.81 15.49 6.73
CA ASP B 175 7.09 15.71 7.42
C ASP B 175 8.20 14.70 7.10
N SER B 176 7.99 13.82 6.12
CA SER B 176 9.06 12.89 5.66
C SER B 176 9.52 11.91 6.72
N THR B 177 8.68 11.64 7.73
CA THR B 177 9.02 10.69 8.79
C THR B 177 8.37 9.33 8.52
N TYR B 178 8.82 8.36 9.30
CA TYR B 178 8.28 7.00 9.29
C TYR B 178 7.65 6.74 10.65
N SER B 179 6.72 5.78 10.68
CA SER B 179 6.15 5.30 11.94
C SER B 179 6.12 3.77 11.92
N MET B 180 6.06 3.20 13.11
CA MET B 180 6.13 1.75 13.29
C MET B 180 5.20 1.39 14.46
N SER B 181 4.60 0.21 14.37
CA SER B 181 3.85 -0.38 15.48
C SER B 181 4.45 -1.74 15.72
N SER B 182 4.43 -2.14 16.98
CA SER B 182 4.95 -3.43 17.38
C SER B 182 3.95 -3.98 18.37
N THR B 183 3.46 -5.19 18.13
CA THR B 183 2.42 -5.77 18.99
C THR B 183 2.92 -7.12 19.49
N LEU B 184 2.93 -7.28 20.81
CA LEU B 184 3.27 -8.56 21.44
C LEU B 184 1.96 -9.24 21.83
N THR B 185 1.69 -10.42 21.27
CA THR B 185 0.45 -11.13 21.56
C THR B 185 0.75 -12.34 22.45
N LEU B 186 0.06 -12.37 23.59
CA LEU B 186 0.15 -13.42 24.60
C LEU B 186 -1.22 -14.01 24.87
N THR B 187 -1.27 -15.17 25.53
CA THR B 187 -2.54 -15.63 26.11
C THR B 187 -2.78 -14.79 27.35
N LYS B 188 -4.05 -14.60 27.72
CA LYS B 188 -4.42 -13.94 28.97
C LYS B 188 -3.74 -14.65 30.15
N ASP B 189 -3.73 -15.98 30.12
CA ASP B 189 -3.13 -16.75 31.22
C ASP B 189 -1.64 -16.42 31.35
N GLU B 190 -0.92 -16.35 30.23
CA GLU B 190 0.49 -15.98 30.27
C GLU B 190 0.68 -14.51 30.68
N TYR B 191 -0.12 -13.62 30.11
CA TYR B 191 -0.10 -12.23 30.51
C TYR B 191 -0.29 -12.06 32.02
N GLU B 192 -1.21 -12.82 32.59
CA GLU B 192 -1.51 -12.73 34.03
C GLU B 192 -0.40 -13.28 34.94
N ARG B 193 0.57 -13.96 34.39
CA ARG B 193 1.64 -14.48 35.16
C ARG B 193 2.75 -13.52 35.43
N HIS B 194 2.95 -12.53 34.58
CA HIS B 194 4.05 -11.56 34.70
C HIS B 194 3.52 -10.17 35.04
N ASN B 195 4.39 -9.33 35.60
CA ASN B 195 4.03 -7.93 35.90
C ASN B 195 4.63 -6.95 34.90
N SER B 196 5.85 -7.21 34.46
CA SER B 196 6.68 -6.23 33.75
C SER B 196 6.79 -6.47 32.24
N TYR B 197 6.24 -5.54 31.47
CA TYR B 197 6.24 -5.60 30.00
C TYR B 197 6.98 -4.40 29.41
N THR B 198 8.03 -4.67 28.64
CA THR B 198 8.88 -3.60 28.09
C THR B 198 9.00 -3.58 26.57
N CYS B 199 8.74 -2.40 26.00
CA CYS B 199 8.98 -2.05 24.59
C CYS B 199 10.32 -1.29 24.47
N GLU B 200 11.33 -1.93 23.89
CA GLU B 200 12.69 -1.35 23.83
C GLU B 200 13.03 -1.03 22.38
N ALA B 201 13.48 0.20 22.12
CA ALA B 201 13.77 0.66 20.75
C ALA B 201 15.17 1.27 20.61
N THR B 202 15.95 0.82 19.62
CA THR B 202 17.20 1.50 19.25
C THR B 202 17.06 2.15 17.87
N HIS B 203 17.62 3.36 17.77
CA HIS B 203 17.52 4.22 16.58
C HIS B 203 18.77 5.10 16.53
N LYS B 204 19.21 5.46 15.33
CA LYS B 204 20.36 6.38 15.13
C LYS B 204 20.39 7.55 16.11
N THR B 205 19.23 8.13 16.39
CA THR B 205 19.11 9.30 17.24
C THR B 205 19.57 9.15 18.67
N SER B 206 19.63 7.92 19.18
CA SER B 206 20.01 7.67 20.56
C SER B 206 20.94 6.45 20.65
N THR B 207 22.08 6.62 21.30
CA THR B 207 22.98 5.50 21.56
C THR B 207 22.41 4.55 22.63
N SER B 208 21.76 5.10 23.65
CA SER B 208 21.08 4.31 24.68
C SER B 208 19.66 3.94 24.20
N PRO B 209 19.29 2.64 24.25
CA PRO B 209 17.95 2.23 23.82
C PRO B 209 16.80 3.00 24.48
N ILE B 210 15.76 3.31 23.70
CA ILE B 210 14.58 4.03 24.19
C ILE B 210 13.63 2.96 24.76
N VAL B 211 13.42 3.02 26.08
CA VAL B 211 12.64 2.03 26.82
C VAL B 211 11.32 2.62 27.30
N LYS B 212 10.21 1.98 26.96
CA LYS B 212 8.90 2.26 27.57
C LYS B 212 8.30 0.96 28.07
N SER B 213 7.63 1.03 29.23
CA SER B 213 7.12 -0.15 29.90
C SER B 213 5.96 0.19 30.84
N PHE B 214 5.33 -0.86 31.38
CA PHE B 214 4.27 -0.72 32.38
C PHE B 214 4.20 -1.98 33.26
N ASN B 215 3.41 -1.87 34.33
CA ASN B 215 3.20 -2.95 35.29
C ASN B 215 1.74 -3.31 35.38
N ARG B 216 1.46 -4.62 35.39
CA ARG B 216 0.09 -5.12 35.31
C ARG B 216 -0.74 -4.84 36.58
C1 NAG C . 2.78 -20.02 -7.78
C2 NAG C . 1.77 -21.10 -7.38
C3 NAG C . 1.99 -22.36 -8.22
C4 NAG C . 1.94 -21.97 -9.69
C5 NAG C . 2.96 -20.88 -9.98
C6 NAG C . 2.89 -20.49 -11.44
C7 NAG C . 1.18 -20.93 -4.99
C8 NAG C . 1.53 -21.40 -3.59
N2 NAG C . 1.93 -21.45 -5.97
O3 NAG C . 1.00 -23.37 -7.96
O4 NAG C . 2.22 -23.13 -10.45
O5 NAG C . 2.71 -19.74 -9.16
O6 NAG C . 3.46 -19.18 -11.61
O7 NAG C . 0.29 -20.13 -5.18
C1 FUC C . 3.79 -18.99 -13.00
C2 FUC C . 4.73 -17.80 -13.13
C3 FUC C . 6.09 -18.09 -12.49
C4 FUC C . 6.64 -19.43 -12.96
C5 FUC C . 5.59 -20.53 -12.84
C6 FUC C . 6.11 -21.85 -13.37
O2 FUC C . 4.15 -16.65 -12.50
O3 FUC C . 7.01 -17.04 -12.83
O4 FUC C . 7.05 -19.32 -14.33
O5 FUC C . 4.41 -20.14 -13.56
C1 GP1 D . -3.42 0.23 -41.49
C2 GP1 D . -1.98 0.65 -41.09
C3 GP1 D . -1.21 -0.55 -40.52
C4 GP1 D . -2.01 -1.21 -39.37
C5 GP1 D . -3.35 -1.67 -39.96
C6 GP1 D . -4.14 -2.56 -38.98
N2 GP1 D . -1.24 1.23 -42.23
O1 GP1 D . -3.31 -0.61 -42.69
O3 GP1 D . 0.06 -0.08 -40.06
O4 GP1 D . -1.28 -2.31 -38.83
O6 GP1 D . -5.43 -2.90 -39.53
O5 GP1 D . -4.07 -0.45 -40.37
O7B GP1 D . -3.85 -1.72 -44.90
P4B GP1 D . -4.58 -1.04 -43.63
O8B GP1 D . -5.32 -2.11 -42.92
O9B GP1 D . -5.29 0.21 -44.04
N2 Z9M D . -7.11 -1.27 -41.29
P1 Z9M D . -11.66 -1.19 -37.09
O6 Z9M D . -7.24 -2.54 -35.09
O3 Z9M D . -9.82 -0.85 -40.36
C1 Z9M D . -6.49 -2.05 -39.01
O4 Z9M D . -10.15 -0.76 -37.56
C2 Z9M D . -7.62 -1.88 -40.05
O5 Z9M D . -7.03 -2.64 -37.80
C3 Z9M D . -8.70 -1.01 -39.43
O9 Z9M D . -11.64 -1.56 -35.65
C4 Z9M D . -9.19 -1.63 -38.13
O7 Z9M D . -12.07 -2.53 -37.85
C5 Z9M D . -8.00 -1.74 -37.20
O8 Z9M D . -12.44 -0.02 -37.48
C6 Z9M D . -8.41 -2.40 -35.91
C1 KDO D . -8.50 -3.43 -33.18
O1A KDO D . -9.05 -4.46 -32.79
O1B KDO D . -8.89 -2.29 -32.90
C2 KDO D . -7.29 -3.57 -34.10
C3 KDO D . -5.99 -3.47 -33.26
C4 KDO D . -4.78 -3.83 -34.12
O4 KDO D . -3.55 -3.81 -33.33
C5 KDO D . -4.96 -5.19 -34.75
O5 KDO D . -5.04 -6.23 -33.72
C6 KDO D . -6.25 -5.14 -35.56
O6 KDO D . -7.36 -4.83 -34.71
C7 KDO D . -6.58 -6.47 -36.21
O7 KDO D . -5.48 -6.99 -36.91
C8 KDO D . -7.65 -6.22 -37.24
O8 KDO D . -8.27 -7.50 -37.23
C1 KDO D . -2.24 -2.98 -35.28
O1A KDO D . -1.80 -4.10 -35.60
O1B KDO D . -2.38 -2.00 -36.04
C2 KDO D . -2.58 -2.80 -33.77
C3 KDO D . -1.29 -2.93 -32.95
C4 KDO D . -1.55 -2.56 -31.48
O4 KDO D . -0.36 -2.70 -30.70
C5 KDO D . -2.14 -1.16 -31.37
O5 KDO D . -1.18 -0.19 -31.82
C6 KDO D . -3.44 -1.13 -32.24
O6 KDO D . -3.11 -1.49 -33.56
C7 KDO D . -4.16 0.24 -32.36
O7 KDO D . -3.47 1.11 -33.30
C8 KDO D . -4.25 0.95 -31.02
O8 KDO D . -5.24 1.98 -31.09
C1 KDO D . -4.98 2.52 -28.74
O1A KDO D . -3.97 2.86 -28.07
O1B KDO D . -5.89 1.75 -28.35
C2 KDO D . -5.11 3.06 -30.17
C3 KDO D . -6.33 3.90 -30.23
C4 KDO D . -6.39 4.57 -31.64
O4 KDO D . -7.48 5.47 -31.63
C5 KDO D . -5.13 5.35 -31.95
O5 KDO D . -5.01 6.41 -30.97
C6 KDO D . -3.96 4.40 -31.86
O6 KDO D . -3.92 3.84 -30.53
C7 KDO D . -2.60 5.08 -32.17
O7 KDO D . -2.62 5.75 -33.42
C8 KDO D . -1.47 4.03 -32.18
O8 KDO D . -1.71 3.19 -33.32
O1 PG4 E . 0.44 -15.86 -1.09
C1 PG4 E . -0.53 -15.00 -0.50
C2 PG4 E . -1.87 -15.74 -0.41
O2 PG4 E . -2.72 -15.06 0.52
C3 PG4 E . -3.03 -15.81 1.68
C4 PG4 E . -3.41 -14.86 2.81
O3 PG4 E . -4.26 -15.54 3.72
C5 PG4 E . -3.59 -16.42 4.62
C6 PG4 E . -4.57 -17.42 5.21
O4 PG4 E . -3.83 -18.59 5.57
C7 PG4 E . -3.82 -19.61 4.57
C8 PG4 E . -2.56 -20.45 4.74
O5 PG4 E . -2.10 -20.88 3.47
C1 PEG F . -1.52 -8.33 -1.91
O1 PEG F . -2.46 -8.44 -0.84
C2 PEG F . -1.77 -7.07 -2.72
O2 PEG F . -0.61 -6.24 -2.69
C3 PEG F . -0.69 -5.14 -3.58
C4 PEG F . 0.53 -4.25 -3.44
O4 PEG F . 1.69 -4.90 -3.97
C1 PEG G . -8.58 -0.88 -3.23
O1 PEG G . -9.54 -0.29 -4.11
C2 PEG G . -7.22 -0.90 -3.90
O2 PEG G . -6.29 -1.74 -3.21
C3 PEG G . -6.03 -1.37 -1.85
C4 PEG G . -4.89 -2.22 -1.31
O4 PEG G . -3.66 -1.95 -2.00
C TAM H . -4.58 -0.64 5.34
C1 TAM H . -5.99 -0.66 5.92
C2 TAM H . -3.81 0.56 5.88
C3 TAM H . -3.80 -1.87 5.74
C4 TAM H . -6.61 -2.05 6.06
C5 TAM H . -2.52 1.00 5.16
C6 TAM H . -3.86 -3.02 4.78
N TAM H . -4.74 -0.54 3.88
O4 TAM H . -6.83 -2.73 4.83
O5 TAM H . -1.72 -0.08 4.68
O6 TAM H . -2.94 -3.94 5.32
CL CL I . 7.82 20.46 -1.64
#